data_5NCV
#
_entry.id   5NCV
#
_cell.length_a   28.917
_cell.length_b   80.227
_cell.length_c   47.807
_cell.angle_alpha   90.000
_cell.angle_beta   93.070
_cell.angle_gamma   90.000
#
_symmetry.space_group_name_H-M   'P 1 21 1'
#
loop_
_entity.id
_entity.type
_entity.pdbx_description
1 polymer 'Cytochrome c iso-1'
2 non-polymer 'HEME C'
3 non-polymer p-Methylphosphonatocalix[4]arene
4 non-polymer 'CHLORIDE ION'
5 water water
#
_entity_poly.entity_id   1
_entity_poly.type   'polypeptide(L)'
_entity_poly.pdbx_seq_one_letter_code
;AEFKAGSAKKGATLFKTRCLQCHTVEKGGPHKVGPNLHGIFGRHSGQAEGYSYTDANIKKNVLWDENNMSEYLTNPKKYI
PGTKMAFGGLKKEKDRNDLITYLKKATE
;
_entity_poly.pdbx_strand_id   A,B
#
# COMPACT_ATOMS: atom_id res chain seq x y z
N ALA A 5 -12.31 18.02 -23.41
CA ALA A 5 -12.09 17.95 -21.93
C ALA A 5 -13.03 16.94 -21.29
N GLY A 6 -12.48 15.99 -20.55
CA GLY A 6 -13.31 15.06 -19.78
C GLY A 6 -14.12 15.78 -18.71
N SER A 7 -15.24 15.18 -18.34
CA SER A 7 -16.17 15.71 -17.33
C SER A 7 -16.10 14.81 -16.11
N ALA A 8 -15.55 15.35 -15.02
CA ALA A 8 -15.38 14.56 -13.81
C ALA A 8 -16.69 14.08 -13.19
N LYS A 9 -17.75 14.91 -13.23
CA LYS A 9 -19.01 14.46 -12.61
C LYS A 9 -19.62 13.24 -13.30
N LYS A 10 -19.55 13.20 -14.63
CA LYS A 10 -19.99 12.03 -15.36
C LYS A 10 -19.02 10.88 -15.01
N GLY A 11 -17.72 11.17 -14.97
CA GLY A 11 -16.74 10.17 -14.57
C GLY A 11 -17.04 9.51 -13.22
N ALA A 12 -17.53 10.31 -12.29
CA ALA A 12 -17.86 9.83 -10.94
C ALA A 12 -19.02 8.86 -10.99
N THR A 13 -20.02 9.13 -11.83
CA THR A 13 -21.10 8.19 -12.00
C THR A 13 -20.66 6.90 -12.69
N LEU A 14 -19.80 7.01 -13.70
CA LEU A 14 -19.26 5.83 -14.35
C LEU A 14 -18.45 4.98 -13.34
N PHE A 15 -17.68 5.62 -12.48
CA PHE A 15 -16.92 4.91 -11.46
C PHE A 15 -17.88 4.18 -10.51
N LYS A 16 -18.92 4.87 -10.05
CA LYS A 16 -19.89 4.25 -9.14
C LYS A 16 -20.53 3.00 -9.75
N THR A 17 -20.96 3.09 -11.00
CA THR A 17 -21.64 2.01 -11.65
C THR A 17 -20.74 0.89 -12.14
N ARG A 18 -19.48 1.18 -12.50
CA ARG A 18 -18.63 0.21 -13.18
C ARG A 18 -17.43 -0.28 -12.36
N CYS A 19 -17.01 0.49 -11.36
CA CYS A 19 -15.76 0.20 -10.62
C CYS A 19 -15.87 0.07 -9.10
N LEU A 20 -16.81 0.82 -8.50
CA LEU A 20 -16.86 0.99 -7.04
C LEU A 20 -17.09 -0.33 -6.29
N GLN A 21 -17.76 -1.26 -6.94
CA GLN A 21 -17.94 -2.63 -6.39
C GLN A 21 -16.63 -3.22 -5.90
N CYS A 22 -15.55 -2.97 -6.66
CA CYS A 22 -14.27 -3.61 -6.41
C CYS A 22 -13.15 -2.67 -5.94
N HIS A 23 -13.38 -1.35 -6.00
CA HIS A 23 -12.32 -0.38 -5.72
C HIS A 23 -12.80 0.84 -4.93
N THR A 24 -11.98 1.27 -4.00
CA THR A 24 -12.08 2.60 -3.38
C THR A 24 -10.99 3.50 -3.91
N VAL A 25 -11.15 4.80 -3.70
CA VAL A 25 -10.26 5.83 -4.27
C VAL A 25 -9.53 6.66 -3.25
N GLU A 26 -10.10 6.81 -2.06
CA GLU A 26 -9.55 7.77 -1.09
C GLU A 26 -8.33 7.25 -0.37
N LYS A 27 -7.53 8.15 0.15
CA LYS A 27 -6.36 7.78 0.97
C LYS A 27 -6.87 7.06 2.20
N GLY A 28 -6.32 5.87 2.44
CA GLY A 28 -6.78 5.00 3.53
C GLY A 28 -8.05 4.22 3.32
N GLY A 29 -8.65 4.31 2.12
CA GLY A 29 -9.78 3.50 1.79
C GLY A 29 -9.38 2.04 1.69
N PRO A 30 -10.32 1.14 1.96
CA PRO A 30 -9.97 -0.26 2.02
C PRO A 30 -9.70 -0.90 0.67
N HIS A 31 -8.83 -1.92 0.69
CA HIS A 31 -8.83 -2.88 -0.39
C HIS A 31 -10.13 -3.69 -0.34
N LYS A 32 -10.65 -4.02 -1.50
CA LYS A 32 -11.88 -4.83 -1.65
C LYS A 32 -11.51 -6.01 -2.54
N VAL A 33 -12.35 -6.41 -3.49
CA VAL A 33 -11.91 -7.40 -4.47
C VAL A 33 -10.65 -6.89 -5.18
N GLY A 34 -10.65 -5.59 -5.51
CA GLY A 34 -9.48 -4.95 -6.11
C GLY A 34 -8.82 -4.02 -5.14
N PRO A 35 -7.63 -3.52 -5.49
CA PRO A 35 -6.91 -2.64 -4.59
C PRO A 35 -7.48 -1.25 -4.51
N ASN A 36 -7.36 -0.63 -3.33
CA ASN A 36 -7.57 0.80 -3.22
C ASN A 36 -6.67 1.51 -4.25
N LEU A 37 -7.23 2.54 -4.88
CA LEU A 37 -6.57 3.24 -6.00
C LEU A 37 -5.94 4.58 -5.66
N HIS A 38 -5.91 4.97 -4.38
CA HIS A 38 -5.24 6.21 -4.02
C HIS A 38 -3.79 6.20 -4.53
N GLY A 39 -3.39 7.28 -5.19
CA GLY A 39 -2.03 7.44 -5.69
C GLY A 39 -1.67 6.62 -6.90
N ILE A 40 -2.67 6.01 -7.55
CA ILE A 40 -2.47 5.12 -8.70
C ILE A 40 -1.68 5.82 -9.84
N PHE A 41 -1.96 7.10 -10.12
CA PHE A 41 -1.27 7.77 -11.22
C PHE A 41 0.12 8.16 -10.78
N GLY A 42 1.12 7.67 -11.49
CA GLY A 42 2.50 7.96 -11.14
C GLY A 42 3.11 6.84 -10.34
N ARG A 43 2.35 5.77 -10.09
CA ARG A 43 2.87 4.56 -9.46
C ARG A 43 2.96 3.41 -10.44
N HIS A 44 3.92 2.50 -10.24
CA HIS A 44 3.98 1.29 -11.03
C HIS A 44 2.87 0.31 -10.65
N SER A 45 2.50 -0.50 -11.63
CA SER A 45 1.46 -1.48 -11.43
C SER A 45 1.86 -2.50 -10.37
N GLY A 46 0.88 -2.96 -9.59
CA GLY A 46 1.14 -4.02 -8.63
C GLY A 46 1.89 -3.64 -7.39
N GLN A 47 1.75 -2.38 -6.96
CA GLN A 47 2.56 -1.85 -5.84
CA GLN A 47 2.56 -1.85 -5.84
C GLN A 47 1.79 -1.35 -4.63
N ALA A 48 0.46 -1.38 -4.65
CA ALA A 48 -0.31 -0.98 -3.45
C ALA A 48 0.02 -1.98 -2.32
N GLU A 49 0.44 -1.47 -1.17
CA GLU A 49 0.83 -2.34 -0.05
C GLU A 49 -0.41 -3.05 0.46
N GLY A 50 -0.22 -4.28 0.95
CA GLY A 50 -1.33 -4.99 1.57
C GLY A 50 -2.34 -5.64 0.61
N TYR A 51 -2.06 -5.59 -0.69
CA TYR A 51 -2.91 -6.26 -1.69
C TYR A 51 -2.13 -7.36 -2.38
N SER A 52 -2.82 -8.47 -2.64
CA SER A 52 -2.23 -9.63 -3.31
C SER A 52 -2.58 -9.61 -4.80
N TYR A 53 -1.64 -9.15 -5.62
CA TYR A 53 -1.85 -9.03 -7.05
C TYR A 53 -1.44 -10.31 -7.75
N THR A 54 -1.91 -10.45 -8.99
CA THR A 54 -1.31 -11.43 -9.87
C THR A 54 0.11 -11.03 -10.26
N ASP A 55 0.95 -12.03 -10.52
CA ASP A 55 2.23 -11.75 -11.14
C ASP A 55 2.09 -11.03 -12.49
N ALA A 56 1.01 -11.28 -13.21
CA ALA A 56 0.72 -10.59 -14.47
C ALA A 56 0.67 -9.08 -14.22
N ASN A 57 -0.11 -8.65 -13.22
CA ASN A 57 -0.20 -7.22 -12.99
CA ASN A 57 -0.25 -7.22 -12.89
C ASN A 57 1.12 -6.66 -12.49
N ILE A 58 1.82 -7.38 -11.61
CA ILE A 58 3.12 -6.89 -11.12
C ILE A 58 4.16 -6.77 -12.24
N LYS A 59 4.25 -7.80 -13.06
CA LYS A 59 5.34 -7.81 -14.05
C LYS A 59 5.03 -7.02 -15.31
N LYS A 60 3.79 -6.60 -15.51
CA LYS A 60 3.50 -5.61 -16.56
C LYS A 60 4.39 -4.38 -16.33
N ASN A 61 4.56 -4.08 -15.04
CA ASN A 61 5.42 -3.01 -14.55
CA ASN A 61 5.32 -2.96 -14.46
C ASN A 61 5.28 -1.73 -15.37
N VAL A 62 4.05 -1.27 -15.46
CA VAL A 62 3.77 -0.03 -16.15
C VAL A 62 3.63 1.07 -15.12
N LEU A 63 4.11 2.25 -15.48
CA LEU A 63 3.91 3.42 -14.66
CA LEU A 63 3.92 3.43 -14.67
C LEU A 63 2.56 3.99 -15.10
N TRP A 64 1.57 3.95 -14.23
CA TRP A 64 0.21 4.38 -14.64
C TRP A 64 0.12 5.87 -14.94
N ASP A 65 -0.45 6.17 -16.10
CA ASP A 65 -0.77 7.51 -16.55
C ASP A 65 -2.11 7.56 -17.25
N GLU A 66 -2.54 8.75 -17.67
CA GLU A 66 -3.86 8.88 -18.28
C GLU A 66 -4.01 8.06 -19.56
N ASN A 67 -2.92 7.87 -20.28
CA ASN A 67 -2.97 7.22 -21.55
C ASN A 67 -2.98 5.72 -21.46
N ASN A 68 -2.06 5.13 -20.71
CA ASN A 68 -2.11 3.68 -20.56
C ASN A 68 -3.30 3.24 -19.69
N MET A 69 -3.80 4.10 -18.82
CA MET A 69 -5.04 3.76 -18.08
CA MET A 69 -5.04 3.78 -18.05
C MET A 69 -6.19 3.62 -19.06
N SER A 70 -6.25 4.51 -20.04
CA SER A 70 -7.31 4.44 -21.05
C SER A 70 -7.18 3.15 -21.88
N GLU A 71 -5.96 2.81 -22.30
CA GLU A 71 -5.72 1.55 -23.01
C GLU A 71 -6.18 0.35 -22.16
N TYR A 72 -5.73 0.32 -20.91
CA TYR A 72 -6.13 -0.76 -19.99
C TYR A 72 -7.62 -0.88 -19.83
N LEU A 73 -8.29 0.21 -19.59
CA LEU A 73 -9.74 0.17 -19.37
C LEU A 73 -10.55 -0.19 -20.60
N THR A 74 -9.98 -0.02 -21.79
CA THR A 74 -10.64 -0.45 -23.03
C THR A 74 -10.81 -1.96 -22.98
N ASN A 75 -9.79 -2.67 -22.50
CA ASN A 75 -9.81 -4.12 -22.52
C ASN A 75 -8.72 -4.62 -21.55
N PRO A 76 -9.09 -4.79 -20.27
CA PRO A 76 -8.07 -5.13 -19.27
C PRO A 76 -7.25 -6.40 -19.54
N LYS A 77 -7.91 -7.50 -19.96
CA LYS A 77 -7.22 -8.74 -20.22
C LYS A 77 -6.31 -8.70 -21.42
N LYS A 78 -6.61 -7.83 -22.40
CA LYS A 78 -5.68 -7.61 -23.52
CA LYS A 78 -5.67 -7.63 -23.51
C LYS A 78 -4.40 -6.93 -23.03
N TYR A 79 -4.56 -5.91 -22.21
CA TYR A 79 -3.42 -5.11 -21.78
C TYR A 79 -2.56 -5.87 -20.76
N ILE A 80 -3.22 -6.59 -19.86
CA ILE A 80 -2.57 -7.42 -18.85
C ILE A 80 -3.13 -8.82 -18.90
N PRO A 81 -2.63 -9.65 -19.81
CA PRO A 81 -3.10 -11.02 -19.88
C PRO A 81 -2.90 -11.77 -18.57
N GLY A 82 -3.93 -12.46 -18.10
N GLY A 82 -3.94 -12.45 -18.10
CA GLY A 82 -3.84 -13.18 -16.83
CA GLY A 82 -3.84 -13.18 -16.83
C GLY A 82 -4.35 -12.39 -15.63
C GLY A 82 -4.14 -12.33 -15.60
N THR A 83 -4.59 -11.09 -15.81
CA THR A 83 -5.11 -10.28 -14.70
C THR A 83 -6.37 -10.91 -14.13
N LYS A 84 -6.54 -10.79 -12.81
CA LYS A 84 -7.78 -11.25 -12.15
C LYS A 84 -8.88 -10.19 -12.04
N MET A 85 -8.67 -9.01 -12.64
CA MET A 85 -9.72 -8.02 -12.74
C MET A 85 -10.77 -8.46 -13.76
N ALA A 86 -11.97 -8.76 -13.26
CA ALA A 86 -13.06 -9.25 -14.06
C ALA A 86 -13.90 -8.07 -14.52
N PHE A 87 -13.42 -7.46 -15.60
CA PHE A 87 -14.07 -6.30 -16.17
C PHE A 87 -13.82 -6.33 -17.66
N GLY A 88 -14.90 -6.28 -18.44
CA GLY A 88 -14.81 -6.49 -19.86
C GLY A 88 -14.14 -5.33 -20.61
N GLY A 89 -14.52 -4.11 -20.25
CA GLY A 89 -13.93 -2.93 -20.86
C GLY A 89 -14.94 -1.82 -21.03
N LEU A 90 -14.42 -0.59 -21.09
CA LEU A 90 -15.23 0.58 -21.37
C LEU A 90 -15.02 0.90 -22.84
N LYS A 91 -16.06 0.67 -23.65
CA LYS A 91 -15.97 0.77 -25.08
C LYS A 91 -15.75 2.20 -25.60
N LYS A 92 -16.44 3.16 -24.98
CA LYS A 92 -16.52 4.51 -25.50
C LYS A 92 -15.35 5.36 -25.00
N GLU A 93 -14.61 5.94 -25.91
CA GLU A 93 -13.50 6.85 -25.53
C GLU A 93 -13.96 7.98 -24.62
N LYS A 94 -15.13 8.56 -24.87
CA LYS A 94 -15.62 9.64 -24.00
C LYS A 94 -15.80 9.16 -22.55
N ASP A 95 -16.32 7.95 -22.40
CA ASP A 95 -16.52 7.39 -21.05
C ASP A 95 -15.19 7.18 -20.37
N ARG A 96 -14.20 6.67 -21.11
CA ARG A 96 -12.86 6.54 -20.54
C ARG A 96 -12.29 7.91 -20.12
N ASN A 97 -12.43 8.90 -21.00
CA ASN A 97 -11.88 10.24 -20.70
C ASN A 97 -12.55 10.82 -19.45
N ASP A 98 -13.87 10.65 -19.36
CA ASP A 98 -14.63 11.19 -18.20
C ASP A 98 -14.21 10.48 -16.93
N LEU A 99 -14.18 9.15 -16.97
CA LEU A 99 -13.77 8.35 -15.82
CA LEU A 99 -13.79 8.36 -15.80
C LEU A 99 -12.38 8.70 -15.35
N ILE A 100 -11.45 8.83 -16.29
CA ILE A 100 -10.07 9.12 -15.93
C ILE A 100 -9.91 10.53 -15.40
N THR A 101 -10.66 11.49 -15.94
CA THR A 101 -10.68 12.85 -15.39
C THR A 101 -11.09 12.81 -13.91
N TYR A 102 -12.16 12.08 -13.61
CA TYR A 102 -12.56 11.87 -12.22
C TYR A 102 -11.47 11.20 -11.41
N LEU A 103 -10.94 10.10 -11.93
CA LEU A 103 -10.01 9.28 -11.14
CA LEU A 103 -9.97 9.28 -11.18
C LEU A 103 -8.72 10.04 -10.82
N LYS A 104 -8.22 10.87 -11.75
CA LYS A 104 -7.00 11.65 -11.49
C LYS A 104 -7.14 12.58 -10.29
N LYS A 105 -8.33 13.16 -10.11
CA LYS A 105 -8.59 14.05 -8.96
C LYS A 105 -8.94 13.25 -7.72
N ALA A 106 -9.79 12.22 -7.88
CA ALA A 106 -10.29 11.49 -6.74
C ALA A 106 -9.21 10.67 -6.03
N THR A 107 -8.18 10.26 -6.76
CA THR A 107 -7.11 9.43 -6.20
C THR A 107 -5.87 10.24 -5.81
N GLU A 108 -5.97 11.56 -5.90
CA GLU A 108 -4.80 12.45 -5.85
C GLU A 108 -4.09 12.38 -4.50
N ALA B 5 26.61 -8.20 17.65
CA ALA B 5 25.80 -8.11 16.39
C ALA B 5 24.36 -8.60 16.59
N GLY B 6 23.39 -7.85 16.06
CA GLY B 6 21.97 -8.25 16.10
C GLY B 6 21.69 -9.60 15.46
N SER B 7 20.90 -10.43 16.14
CA SER B 7 20.59 -11.75 15.64
C SER B 7 19.25 -11.73 14.93
N ALA B 8 19.27 -11.91 13.62
CA ALA B 8 18.02 -11.95 12.84
C ALA B 8 17.10 -13.07 13.32
N LYS B 9 17.68 -14.20 13.71
CA LYS B 9 16.89 -15.31 14.20
C LYS B 9 16.16 -14.93 15.49
N LYS B 10 16.87 -14.32 16.44
CA LYS B 10 16.20 -13.82 17.64
C LYS B 10 15.14 -12.77 17.28
N GLY B 11 15.47 -11.94 16.31
CA GLY B 11 14.55 -10.92 15.83
C GLY B 11 13.28 -11.51 15.25
N ALA B 12 13.41 -12.61 14.50
CA ALA B 12 12.23 -13.29 13.94
C ALA B 12 11.32 -13.81 15.03
N THR B 13 11.90 -14.34 16.11
CA THR B 13 11.12 -14.81 17.25
C THR B 13 10.48 -13.65 17.99
N LEU B 14 11.22 -12.56 18.17
CA LEU B 14 10.64 -11.34 18.78
CA LEU B 14 10.68 -11.34 18.76
C LEU B 14 9.48 -10.83 17.97
N PHE B 15 9.62 -10.82 16.63
CA PHE B 15 8.50 -10.39 15.78
C PHE B 15 7.24 -11.26 15.98
N LYS B 16 7.44 -12.58 15.95
CA LYS B 16 6.33 -13.50 16.17
CA LYS B 16 6.35 -13.53 16.19
C LYS B 16 5.62 -13.24 17.49
N THR B 17 6.37 -13.03 18.57
CA THR B 17 5.77 -12.92 19.89
C THR B 17 5.19 -11.54 20.19
N ARG B 18 5.76 -10.49 19.60
CA ARG B 18 5.39 -9.13 19.97
C ARG B 18 4.76 -8.25 18.89
N CYS B 19 4.85 -8.67 17.62
CA CYS B 19 4.37 -7.82 16.52
C CYS B 19 3.38 -8.50 15.59
N LEU B 20 3.53 -9.81 15.39
CA LEU B 20 2.73 -10.57 14.43
C LEU B 20 1.24 -10.46 14.68
N GLN B 21 0.86 -10.28 15.96
CA GLN B 21 -0.56 -10.09 16.31
C GLN B 21 -1.22 -9.04 15.41
N CYS B 22 -0.50 -7.97 15.10
CA CYS B 22 -1.06 -6.80 14.44
C CYS B 22 -0.41 -6.51 13.06
N HIS B 23 0.67 -7.21 12.68
CA HIS B 23 1.42 -6.88 11.45
C HIS B 23 1.86 -8.12 10.68
N THR B 24 1.85 -8.03 9.36
CA THR B 24 2.56 -8.95 8.49
C THR B 24 3.73 -8.22 7.81
N VAL B 25 4.66 -8.99 7.29
CA VAL B 25 5.89 -8.46 6.69
C VAL B 25 6.02 -8.65 5.19
N GLU B 26 5.27 -9.61 4.64
CA GLU B 26 5.47 -10.11 3.29
CA GLU B 26 5.52 -10.08 3.28
C GLU B 26 4.90 -9.15 2.25
N LYS B 27 5.47 -9.17 1.06
CA LYS B 27 4.93 -8.35 -0.03
C LYS B 27 3.56 -8.86 -0.37
N GLY B 28 2.58 -7.94 -0.34
CA GLY B 28 1.20 -8.34 -0.57
C GLY B 28 0.53 -9.02 0.60
N GLY B 29 1.18 -9.05 1.76
CA GLY B 29 0.59 -9.60 2.96
C GLY B 29 -0.49 -8.67 3.48
N PRO B 30 -1.48 -9.21 4.19
CA PRO B 30 -2.63 -8.43 4.56
C PRO B 30 -2.35 -7.38 5.61
N HIS B 31 -3.07 -6.27 5.52
CA HIS B 31 -3.21 -5.37 6.64
C HIS B 31 -4.07 -6.05 7.69
N LYS B 32 -3.77 -5.76 8.96
CA LYS B 32 -4.50 -6.31 10.11
C LYS B 32 -4.88 -5.12 11.01
N VAL B 33 -4.79 -5.27 12.33
CA VAL B 33 -4.92 -4.12 13.21
C VAL B 33 -3.94 -3.03 12.81
N GLY B 34 -2.70 -3.45 12.51
CA GLY B 34 -1.70 -2.55 11.97
C GLY B 34 -1.44 -2.81 10.49
N PRO B 35 -0.72 -1.89 9.82
CA PRO B 35 -0.45 -2.06 8.40
C PRO B 35 0.57 -3.16 8.10
N ASN B 36 0.43 -3.82 6.95
CA ASN B 36 1.49 -4.63 6.40
C ASN B 36 2.74 -3.78 6.32
N LEU B 37 3.89 -4.37 6.66
CA LEU B 37 5.17 -3.63 6.78
C LEU B 37 6.15 -3.80 5.62
N HIS B 38 5.75 -4.48 4.55
CA HIS B 38 6.67 -4.64 3.42
C HIS B 38 7.09 -3.25 2.91
N GLY B 39 8.39 -3.10 2.67
CA GLY B 39 8.94 -1.87 2.14
C GLY B 39 9.01 -0.71 3.12
N ILE B 40 8.83 -0.97 4.42
CA ILE B 40 8.76 0.10 5.42
C ILE B 40 10.02 0.97 5.47
N PHE B 41 11.20 0.33 5.30
N PHE B 41 11.20 0.35 5.30
CA PHE B 41 12.50 1.01 5.35
CA PHE B 41 12.47 1.07 5.32
C PHE B 41 12.87 1.74 4.06
C PHE B 41 12.75 1.71 3.96
N GLY B 42 11.98 1.78 3.08
N GLY B 42 12.97 3.02 3.96
CA GLY B 42 12.23 2.66 1.94
CA GLY B 42 12.99 3.79 2.71
C GLY B 42 11.15 3.70 1.85
C GLY B 42 11.65 4.39 2.27
N ARG B 43 10.56 4.09 2.98
CA ARG B 43 9.29 4.78 2.88
C ARG B 43 9.05 5.74 4.05
N HIS B 44 8.29 6.81 3.78
CA HIS B 44 7.80 7.71 4.83
C HIS B 44 6.67 7.09 5.61
N SER B 45 6.54 7.48 6.87
CA SER B 45 5.43 7.00 7.69
C SER B 45 4.06 7.34 7.10
N GLY B 46 3.08 6.47 7.35
CA GLY B 46 1.70 6.72 6.97
C GLY B 46 1.39 6.58 5.49
N GLN B 47 2.20 5.82 4.77
CA GLN B 47 2.09 5.76 3.30
C GLN B 47 1.69 4.41 2.73
N ALA B 48 1.51 3.37 3.55
CA ALA B 48 0.99 2.09 3.00
C ALA B 48 -0.43 2.29 2.51
N GLU B 49 -0.70 1.94 1.24
CA GLU B 49 -2.03 2.12 0.70
C GLU B 49 -3.00 1.12 1.29
N GLY B 50 -4.26 1.54 1.42
CA GLY B 50 -5.31 0.66 1.87
C GLY B 50 -5.42 0.50 3.37
N TYR B 51 -4.65 1.29 4.10
CA TYR B 51 -4.66 1.25 5.56
C TYR B 51 -5.05 2.62 6.08
N SER B 52 -5.90 2.66 7.10
CA SER B 52 -6.38 3.92 7.69
CA SER B 52 -6.38 3.92 7.68
C SER B 52 -5.52 4.31 8.88
N TYR B 53 -4.54 5.16 8.63
CA TYR B 53 -3.64 5.64 9.67
C TYR B 53 -4.29 6.74 10.47
N THR B 54 -3.68 7.01 11.63
CA THR B 54 -3.93 8.28 12.33
C THR B 54 -3.27 9.44 11.58
N ASP B 55 -3.86 10.62 11.72
CA ASP B 55 -3.24 11.83 11.18
C ASP B 55 -1.88 12.08 11.82
N ALA B 56 -1.71 11.68 13.09
CA ALA B 56 -0.42 11.75 13.77
C ALA B 56 0.71 11.01 13.05
N ASN B 57 0.42 9.77 12.66
CA ASN B 57 1.37 8.91 11.94
CA ASN B 57 1.41 8.96 11.97
C ASN B 57 1.73 9.59 10.62
N ILE B 58 0.71 10.03 9.88
CA ILE B 58 0.93 10.65 8.57
C ILE B 58 1.75 11.94 8.73
N LYS B 59 1.36 12.78 9.70
CA LYS B 59 1.99 14.08 9.92
C LYS B 59 3.46 13.96 10.36
N LYS B 60 3.81 12.90 11.07
CA LYS B 60 5.19 12.68 11.48
C LYS B 60 6.14 12.66 10.27
N ASN B 61 5.67 12.06 9.16
CA ASN B 61 6.42 12.02 7.90
C ASN B 61 7.90 11.61 8.06
N VAL B 62 8.15 10.60 8.88
CA VAL B 62 9.51 10.14 9.08
C VAL B 62 9.87 9.17 7.99
N LEU B 63 11.06 9.36 7.41
CA LEU B 63 11.63 8.38 6.51
C LEU B 63 12.26 7.28 7.38
N TRP B 64 11.55 6.16 7.52
CA TRP B 64 12.01 5.10 8.42
C TRP B 64 13.38 4.57 8.03
N ASP B 65 14.28 4.44 9.03
CA ASP B 65 15.58 3.78 8.87
C ASP B 65 15.86 3.00 10.16
N GLU B 66 16.99 2.31 10.23
CA GLU B 66 17.29 1.43 11.38
C GLU B 66 17.37 2.20 12.70
N ASN B 67 17.81 3.45 12.65
CA ASN B 67 18.04 4.24 13.87
C ASN B 67 16.75 4.85 14.40
N ASN B 68 16.00 5.58 13.57
CA ASN B 68 14.72 6.11 14.02
C ASN B 68 13.64 5.04 14.34
N MET B 69 13.70 3.87 13.72
CA MET B 69 12.84 2.74 14.08
CA MET B 69 12.78 2.81 14.12
C MET B 69 13.12 2.29 15.52
N SER B 70 14.41 2.29 15.88
CA SER B 70 14.80 1.89 17.22
C SER B 70 14.25 2.89 18.25
N GLU B 71 14.31 4.17 17.92
CA GLU B 71 13.72 5.19 18.79
C GLU B 71 12.21 4.99 18.90
N TYR B 72 11.54 4.75 17.77
CA TYR B 72 10.09 4.57 17.78
C TYR B 72 9.66 3.37 18.59
N LEU B 73 10.36 2.27 18.41
CA LEU B 73 9.97 1.04 19.11
C LEU B 73 10.26 1.06 20.60
N THR B 74 11.17 1.94 21.03
CA THR B 74 11.44 2.12 22.47
C THR B 74 10.19 2.62 23.16
N ASN B 75 9.48 3.57 22.52
CA ASN B 75 8.28 4.17 23.06
C ASN B 75 7.46 4.83 21.95
N PRO B 76 6.60 4.04 21.27
CA PRO B 76 5.90 4.56 20.09
C PRO B 76 5.12 5.87 20.28
N LYS B 77 4.39 5.99 21.39
CA LYS B 77 3.62 7.21 21.68
C LYS B 77 4.46 8.45 22.03
N LYS B 78 5.71 8.26 22.48
CA LYS B 78 6.62 9.40 22.66
C LYS B 78 7.13 9.93 21.32
N TYR B 79 7.51 9.00 20.43
CA TYR B 79 7.98 9.39 19.10
C TYR B 79 6.88 9.92 18.19
N ILE B 80 5.70 9.29 18.24
CA ILE B 80 4.53 9.73 17.48
C ILE B 80 3.34 9.91 18.40
N PRO B 81 3.31 11.05 19.13
CA PRO B 81 2.16 11.32 20.00
C PRO B 81 0.85 11.22 19.24
N GLY B 82 -0.12 10.51 19.81
CA GLY B 82 -1.43 10.31 19.20
C GLY B 82 -1.52 9.08 18.31
N THR B 83 -0.42 8.34 18.12
CA THR B 83 -0.51 7.08 17.36
C THR B 83 -1.47 6.10 18.03
N LYS B 84 -2.12 5.27 17.22
CA LYS B 84 -3.03 4.25 17.71
C LYS B 84 -2.41 2.85 17.84
N MET B 85 -1.10 2.74 17.58
CA MET B 85 -0.39 1.48 17.84
C MET B 85 -0.33 1.27 19.36
N ALA B 86 -1.06 0.26 19.84
CA ALA B 86 -1.13 -0.06 21.27
C ALA B 86 -0.03 -1.04 21.66
N PHE B 87 1.17 -0.51 21.77
CA PHE B 87 2.35 -1.26 22.12
C PHE B 87 3.17 -0.39 23.04
N GLY B 88 3.46 -0.91 24.23
CA GLY B 88 4.24 -0.17 25.23
C GLY B 88 5.63 0.24 24.77
N GLY B 89 6.34 -0.71 24.16
CA GLY B 89 7.70 -0.48 23.74
C GLY B 89 8.63 -1.64 24.01
N LEU B 90 9.75 -1.63 23.31
CA LEU B 90 10.84 -2.56 23.54
C LEU B 90 11.87 -1.86 24.38
N LYS B 91 11.94 -2.22 25.66
CA LYS B 91 12.86 -1.56 26.58
C LYS B 91 14.32 -1.89 26.31
N LYS B 92 14.60 -3.09 25.84
CA LYS B 92 15.98 -3.57 25.72
C LYS B 92 16.58 -3.25 24.35
N GLU B 93 17.70 -2.52 24.33
CA GLU B 93 18.41 -2.22 23.10
C GLU B 93 18.72 -3.49 22.30
N LYS B 94 19.13 -4.56 23.00
CA LYS B 94 19.41 -5.83 22.36
C LYS B 94 18.18 -6.35 21.59
N ASP B 95 17.02 -6.32 22.23
CA ASP B 95 15.76 -6.74 21.58
C ASP B 95 15.44 -5.88 20.34
N ARG B 96 15.62 -4.56 20.44
CA ARG B 96 15.38 -3.70 19.28
C ARG B 96 16.38 -3.98 18.17
N ASN B 97 17.66 -4.15 18.53
CA ASN B 97 18.71 -4.51 17.57
C ASN B 97 18.37 -5.78 16.81
N ASP B 98 17.95 -6.81 17.54
CA ASP B 98 17.64 -8.13 16.95
C ASP B 98 16.43 -7.98 16.01
N LEU B 99 15.37 -7.39 16.54
CA LEU B 99 14.13 -7.19 15.77
CA LEU B 99 14.13 -7.19 15.77
C LEU B 99 14.38 -6.41 14.49
N ILE B 100 15.09 -5.29 14.59
CA ILE B 100 15.36 -4.46 13.39
C ILE B 100 16.24 -5.18 12.38
N THR B 101 17.19 -5.97 12.87
CA THR B 101 18.03 -6.79 11.99
C THR B 101 17.15 -7.75 11.16
N TYR B 102 16.19 -8.39 11.81
CA TYR B 102 15.24 -9.24 11.10
C TYR B 102 14.39 -8.39 10.14
N LEU B 103 13.80 -7.32 10.66
CA LEU B 103 12.83 -6.53 9.90
CA LEU B 103 12.82 -6.54 9.92
C LEU B 103 13.39 -5.94 8.63
N LYS B 104 14.65 -5.50 8.67
CA LYS B 104 15.29 -4.92 7.51
C LYS B 104 15.30 -5.89 6.34
N LYS B 105 15.55 -7.16 6.61
CA LYS B 105 15.55 -8.20 5.57
C LYS B 105 14.17 -8.75 5.29
N ALA B 106 13.38 -8.96 6.33
CA ALA B 106 12.06 -9.57 6.15
C ALA B 106 11.12 -8.71 5.34
N THR B 107 11.27 -7.39 5.42
CA THR B 107 10.42 -6.45 4.69
C THR B 107 10.99 -5.93 3.34
N GLU B 108 12.17 -6.42 2.92
CA GLU B 108 12.89 -5.87 1.74
C GLU B 108 12.06 -5.88 0.47
#